data_5K4J
#
_entry.id   5K4J
#
_cell.length_a   53.646
_cell.length_b   71.681
_cell.length_c   72.197
_cell.angle_alpha   90.00
_cell.angle_beta   90.00
_cell.angle_gamma   90.00
#
_symmetry.space_group_name_H-M   'P 21 21 21'
#
loop_
_entity.id
_entity.type
_entity.pdbx_description
1 polymer 'Cyclin-dependent kinase 2'
2 non-polymer 1-[(1~{S})-1-(4-chloranyl-3-fluoranyl-phenyl)-2-oxidanyl-ethyl]-4-[2-[(2-methylpyrazol-3-yl)amino]pyrimidin-4-yl]pyridin-2-one
3 water water
#
_entity_poly.entity_id   1
_entity_poly.type   'polypeptide(L)'
_entity_poly.pdbx_seq_one_letter_code
;AMENFQKVEKIGEGTYGVVYKARNKLTGEVVALKKIRLDTETEGVPSTAIREISLLKELNHPNIVKLLDVIHTENKLYLV
FEFLHQDLKKFMDASALTGIPLPLIKSYLFQLLQGLAFCHSHRVLHRDLKPQNLLINTEGAIKLADFGLARAFGVPVRTY
THEVVTLWYRAPEILLGCKYYSTAVDIWSLGCIFAEMVTRRALFPGDSEIDQLFRIFRTLGTPDEVVWPGVTSMPDYKPS
FPKWARQDFSKVVPPLDEDGRSLLSQMLHYDPNKRISAKAALAHPFFQDVTKPVPHLRL
;
_entity_poly.pdbx_strand_id   A
#
loop_
_chem_comp.id
_chem_comp.type
_chem_comp.name
_chem_comp.formula
6QB non-polymer 1-[(1~{S})-1-(4-chloranyl-3-fluoranyl-phenyl)-2-oxidanyl-ethyl]-4-[2-[(2-methylpyrazol-3-yl)amino]pyrimidin-4-yl]pyridin-2-one 'C21 H18 Cl F N6 O2'
#
# COMPACT_ATOMS: atom_id res chain seq x y z
N ALA A 1 -22.93 -22.30 -5.16
CA ALA A 1 -21.89 -21.42 -4.62
C ALA A 1 -22.15 -19.95 -4.98
N MET A 2 -21.71 -19.55 -6.17
CA MET A 2 -21.97 -18.22 -6.74
C MET A 2 -23.43 -17.88 -6.95
N GLU A 3 -24.27 -18.91 -7.06
CA GLU A 3 -25.68 -18.70 -7.30
C GLU A 3 -26.26 -17.85 -6.17
N ASN A 4 -25.51 -17.74 -5.06
CA ASN A 4 -25.92 -17.01 -3.87
C ASN A 4 -25.62 -15.53 -4.00
N PHE A 5 -24.98 -15.14 -5.10
CA PHE A 5 -24.58 -13.72 -5.34
C PHE A 5 -25.10 -13.14 -6.65
N GLN A 6 -25.64 -11.94 -6.56
CA GLN A 6 -26.16 -11.16 -7.66
C GLN A 6 -25.22 -10.03 -7.96
N LYS A 7 -24.57 -10.04 -9.13
CA LYS A 7 -23.61 -9.01 -9.49
C LYS A 7 -24.36 -7.73 -9.69
N VAL A 8 -23.80 -6.63 -9.19
CA VAL A 8 -24.36 -5.30 -9.39
C VAL A 8 -23.55 -4.49 -10.41
N GLU A 9 -22.24 -4.39 -10.23
CA GLU A 9 -21.39 -3.69 -11.18
C GLU A 9 -19.93 -3.98 -10.95
N LYS A 10 -19.11 -3.74 -11.99
CA LYS A 10 -17.69 -4.00 -11.89
C LYS A 10 -16.98 -2.89 -11.16
N ILE A 11 -16.14 -3.19 -10.17
CA ILE A 11 -15.40 -2.10 -9.53
C ILE A 11 -13.89 -2.16 -9.57
N GLY A 12 -13.34 -3.25 -10.12
CA GLY A 12 -11.90 -3.29 -10.30
C GLY A 12 -11.52 -4.39 -11.26
N GLU A 13 -10.28 -4.29 -11.76
CA GLU A 13 -9.60 -5.44 -12.32
C GLU A 13 -8.10 -5.48 -11.97
N GLY A 14 -7.62 -6.71 -11.79
CA GLY A 14 -6.20 -7.01 -11.62
C GLY A 14 -5.70 -7.82 -12.80
N THR A 15 -4.44 -8.21 -12.75
CA THR A 15 -3.84 -8.98 -13.84
C THR A 15 -4.44 -10.41 -13.82
N TYR A 16 -4.96 -10.83 -12.66
CA TYR A 16 -5.54 -12.17 -12.54
C TYR A 16 -6.99 -12.24 -12.07
N GLY A 17 -7.69 -11.13 -11.95
CA GLY A 17 -9.07 -11.22 -11.55
C GLY A 17 -9.88 -9.98 -11.86
N VAL A 18 -11.15 -10.06 -11.54
CA VAL A 18 -12.08 -8.94 -11.65
C VAL A 18 -12.78 -8.84 -10.30
N VAL A 19 -13.18 -7.64 -9.92
CA VAL A 19 -13.90 -7.46 -8.65
C VAL A 19 -15.25 -6.84 -8.94
N TYR A 20 -16.34 -7.43 -8.45
CA TYR A 20 -17.66 -6.89 -8.62
C TYR A 20 -18.28 -6.44 -7.32
N LYS A 21 -19.00 -5.33 -7.37
CA LYS A 21 -19.94 -5.10 -6.28
C LYS A 21 -21.10 -6.11 -6.46
N ALA A 22 -21.52 -6.78 -5.37
CA ALA A 22 -22.51 -7.83 -5.50
C ALA A 22 -23.41 -7.92 -4.28
N ARG A 23 -24.58 -8.55 -4.41
CA ARG A 23 -25.46 -8.66 -3.22
C ARG A 23 -25.62 -10.14 -2.80
N ASN A 24 -25.40 -10.42 -1.52
CA ASN A 24 -25.50 -11.78 -1.00
C ASN A 24 -26.98 -12.10 -0.90
N LYS A 25 -27.51 -12.99 -1.76
CA LYS A 25 -28.98 -13.13 -1.87
C LYS A 25 -29.52 -13.79 -0.63
N LEU A 26 -28.59 -14.29 0.16
CA LEU A 26 -28.84 -15.00 1.39
C LEU A 26 -28.97 -14.05 2.58
N THR A 27 -27.98 -13.18 2.75
CA THR A 27 -27.87 -12.36 3.95
C THR A 27 -28.33 -10.92 3.71
N GLY A 28 -28.60 -10.62 2.44
CA GLY A 28 -28.91 -9.27 1.99
C GLY A 28 -27.69 -8.34 1.94
N GLU A 29 -26.52 -8.91 2.23
CA GLU A 29 -25.32 -8.10 2.34
C GLU A 29 -24.88 -7.63 0.95
N VAL A 30 -24.33 -6.43 0.95
CA VAL A 30 -23.65 -5.90 -0.23
C VAL A 30 -22.20 -6.14 0.02
N VAL A 31 -21.53 -6.71 -0.96
CA VAL A 31 -20.12 -7.16 -0.81
C VAL A 31 -19.28 -6.81 -2.02
N ALA A 32 -17.95 -6.96 -1.90
CA ALA A 32 -17.07 -6.94 -3.10
C ALA A 32 -16.69 -8.39 -3.40
N LEU A 33 -16.98 -8.82 -4.60
CA LEU A 33 -16.70 -10.25 -4.95
C LEU A 33 -15.53 -10.26 -5.89
N LYS A 34 -14.42 -10.90 -5.48
CA LYS A 34 -13.23 -10.99 -6.34
C LYS A 34 -13.23 -12.37 -6.98
N LYS A 35 -13.16 -12.42 -8.29
CA LYS A 35 -13.20 -13.71 -8.97
C LYS A 35 -11.81 -13.93 -9.52
N ILE A 36 -11.14 -14.96 -9.00
CA ILE A 36 -9.73 -15.17 -9.22
C ILE A 36 -9.58 -16.14 -10.37
N ARG A 37 -8.61 -15.81 -11.21
CA ARG A 37 -8.38 -16.32 -12.57
C ARG A 37 -9.21 -15.48 -13.54
N VAL A 45 -6.99 -24.90 -8.40
CA VAL A 45 -6.46 -24.04 -7.34
C VAL A 45 -5.44 -24.78 -6.48
N PRO A 46 -4.20 -24.28 -6.45
CA PRO A 46 -3.12 -24.85 -5.63
C PRO A 46 -3.44 -24.83 -4.12
N SER A 47 -3.25 -25.97 -3.47
CA SER A 47 -3.60 -26.14 -2.06
C SER A 47 -2.88 -25.14 -1.13
N THR A 48 -1.60 -24.88 -1.41
CA THR A 48 -0.85 -23.89 -0.66
C THR A 48 -1.57 -22.52 -0.69
N ALA A 49 -2.12 -22.15 -1.84
CA ALA A 49 -2.91 -20.92 -1.95
C ALA A 49 -4.16 -21.01 -1.08
N ILE A 50 -4.83 -22.16 -1.12
CA ILE A 50 -6.01 -22.35 -0.24
C ILE A 50 -5.66 -22.16 1.23
N ARG A 51 -4.57 -22.75 1.70
CA ARG A 51 -4.29 -22.64 3.14
C ARG A 51 -3.85 -21.21 3.52
N GLU A 52 -3.14 -20.53 2.61
CA GLU A 52 -2.68 -19.16 2.90
C GLU A 52 -3.87 -18.23 3.00
N ILE A 53 -4.76 -18.40 2.04
CA ILE A 53 -5.95 -17.56 1.99
C ILE A 53 -6.77 -17.81 3.24
N SER A 54 -6.85 -19.08 3.64
CA SER A 54 -7.59 -19.41 4.87
C SER A 54 -7.00 -18.72 6.12
N LEU A 55 -5.67 -18.64 6.20
CA LEU A 55 -5.00 -17.95 7.29
C LEU A 55 -5.37 -16.45 7.23
N LEU A 56 -5.57 -15.92 6.02
CA LEU A 56 -5.91 -14.50 5.94
C LEU A 56 -7.26 -14.19 6.51
N LYS A 57 -8.17 -15.17 6.47
CA LYS A 57 -9.50 -14.97 7.04
C LYS A 57 -9.48 -14.72 8.52
N GLU A 58 -8.38 -15.11 9.18
CA GLU A 58 -8.27 -14.89 10.60
C GLU A 58 -7.62 -13.55 10.92
N LEU A 59 -7.04 -12.90 9.90
CA LEU A 59 -6.25 -11.71 10.14
C LEU A 59 -7.16 -10.47 10.09
N ASN A 60 -7.95 -10.28 11.15
CA ASN A 60 -9.00 -9.29 11.20
C ASN A 60 -8.61 -8.08 12.03
N HIS A 61 -8.79 -6.91 11.44
CA HIS A 61 -8.42 -5.65 12.08
C HIS A 61 -9.28 -4.53 11.49
N PRO A 62 -9.57 -3.50 12.27
CA PRO A 62 -10.49 -2.45 11.80
C PRO A 62 -9.92 -1.72 10.51
N ASN A 63 -8.62 -1.79 10.31
CA ASN A 63 -8.03 -1.13 9.14
C ASN A 63 -7.57 -2.09 8.08
N ILE A 64 -8.15 -3.32 8.12
CA ILE A 64 -7.97 -4.28 7.03
C ILE A 64 -9.31 -4.66 6.46
N VAL A 65 -9.49 -4.55 5.18
CA VAL A 65 -10.78 -4.90 4.57
C VAL A 65 -11.07 -6.34 4.92
N LYS A 66 -12.27 -6.58 5.49
CA LYS A 66 -12.56 -7.90 6.01
C LYS A 66 -12.80 -8.94 4.91
N LEU A 67 -12.15 -10.11 5.03
CA LEU A 67 -12.38 -11.19 4.12
C LEU A 67 -13.52 -12.01 4.75
N LEU A 68 -14.69 -11.96 4.11
CA LEU A 68 -15.92 -12.53 4.70
C LEU A 68 -16.00 -13.98 4.44
N ASP A 69 -15.63 -14.41 3.23
CA ASP A 69 -15.89 -15.79 2.80
C ASP A 69 -14.89 -16.10 1.73
N VAL A 70 -14.46 -17.36 1.69
CA VAL A 70 -13.64 -17.86 0.62
C VAL A 70 -14.39 -19.03 0.04
N ILE A 71 -14.72 -18.92 -1.24
CA ILE A 71 -15.51 -19.97 -1.87
C ILE A 71 -14.64 -20.58 -2.91
N HIS A 72 -14.46 -21.89 -2.73
CA HIS A 72 -13.62 -22.62 -3.63
C HIS A 72 -14.49 -23.70 -4.21
N THR A 73 -14.78 -23.58 -5.49
CA THR A 73 -15.96 -24.20 -6.04
C THR A 73 -15.80 -24.28 -7.53
N GLU A 74 -16.41 -25.33 -8.13
CA GLU A 74 -16.21 -25.64 -9.54
C GLU A 74 -14.75 -25.41 -9.91
N ASN A 75 -13.87 -25.80 -8.98
CA ASN A 75 -12.44 -25.55 -9.06
C ASN A 75 -12.07 -24.14 -9.54
N LYS A 76 -12.81 -23.16 -9.04
CA LYS A 76 -12.44 -21.75 -9.19
C LYS A 76 -12.41 -21.09 -7.81
N LEU A 77 -11.88 -19.87 -7.74
CA LEU A 77 -11.76 -19.23 -6.43
C LEU A 77 -12.43 -17.84 -6.41
N TYR A 78 -13.37 -17.72 -5.49
CA TYR A 78 -14.03 -16.41 -5.21
C TYR A 78 -13.67 -15.93 -3.85
N LEU A 79 -13.28 -14.66 -3.72
CA LEU A 79 -13.11 -14.09 -2.40
C LEU A 79 -14.18 -13.03 -2.17
N VAL A 80 -14.84 -13.14 -1.03
CA VAL A 80 -15.94 -12.20 -0.72
C VAL A 80 -15.44 -11.22 0.34
N PHE A 81 -15.35 -9.94 -0.01
CA PHE A 81 -14.81 -8.91 0.91
C PHE A 81 -15.90 -7.96 1.37
N GLU A 82 -15.72 -7.37 2.55
CA GLU A 82 -16.46 -6.17 2.92
C GLU A 82 -16.43 -5.15 1.75
N PHE A 83 -17.53 -4.46 1.49
CA PHE A 83 -17.59 -3.47 0.43
C PHE A 83 -17.34 -2.09 1.05
N LEU A 84 -16.48 -1.31 0.41
CA LEU A 84 -16.30 0.07 0.82
C LEU A 84 -16.64 0.93 -0.40
N HIS A 85 -17.07 2.15 -0.14
CA HIS A 85 -17.54 2.89 -1.28
C HIS A 85 -16.52 3.65 -2.11
N GLN A 86 -15.27 3.84 -1.66
CA GLN A 86 -14.37 4.61 -2.49
C GLN A 86 -12.95 4.14 -2.22
N ASP A 87 -12.04 4.25 -3.19
CA ASP A 87 -10.61 4.03 -2.90
C ASP A 87 -9.85 5.36 -2.82
N LEU A 88 -8.59 5.29 -2.33
CA LEU A 88 -7.87 6.53 -2.07
C LEU A 88 -7.47 7.18 -3.41
N LYS A 89 -7.29 6.39 -4.47
CA LYS A 89 -6.94 6.96 -5.76
C LYS A 89 -8.05 7.89 -6.23
N LYS A 90 -9.29 7.41 -6.11
CA LYS A 90 -10.43 8.26 -6.54
C LYS A 90 -10.58 9.49 -5.67
N PHE A 91 -10.33 9.33 -4.36
CA PHE A 91 -10.49 10.41 -3.41
C PHE A 91 -9.38 11.45 -3.66
N MET A 92 -8.15 11.00 -3.98
CA MET A 92 -7.07 11.94 -4.33
C MET A 92 -7.41 12.71 -5.60
N ASP A 93 -7.92 12.01 -6.61
CA ASP A 93 -8.26 12.69 -7.88
C ASP A 93 -9.36 13.70 -7.59
N ALA A 94 -10.35 13.32 -6.81
CA ALA A 94 -11.49 14.19 -6.43
C ALA A 94 -11.07 15.40 -5.61
N SER A 95 -9.93 15.28 -4.93
CA SER A 95 -9.47 16.28 -3.99
C SER A 95 -8.32 17.09 -4.58
N ALA A 96 -8.03 16.88 -5.84
CA ALA A 96 -6.76 17.41 -6.30
C ALA A 96 -6.71 18.96 -6.46
N LEU A 97 -7.84 19.64 -6.56
CA LEU A 97 -7.75 21.10 -6.80
C LEU A 97 -7.34 21.77 -5.52
N THR A 98 -7.82 21.18 -4.45
CA THR A 98 -7.72 21.74 -3.14
C THR A 98 -6.69 21.01 -2.22
N GLY A 99 -6.49 19.74 -2.53
CA GLY A 99 -5.71 18.82 -1.68
C GLY A 99 -6.52 18.24 -0.52
N ILE A 100 -6.18 17.02 -0.14
CA ILE A 100 -6.63 16.50 1.14
C ILE A 100 -6.10 17.29 2.31
N PRO A 101 -6.97 17.76 3.21
CA PRO A 101 -6.53 18.51 4.37
C PRO A 101 -5.51 17.73 5.23
N LEU A 102 -4.48 18.43 5.71
CA LEU A 102 -3.43 17.73 6.48
C LEU A 102 -3.95 16.87 7.63
N PRO A 103 -4.97 17.32 8.41
CA PRO A 103 -5.37 16.45 9.49
C PRO A 103 -5.96 15.09 9.02
N LEU A 104 -6.56 15.13 7.85
CA LEU A 104 -7.11 13.86 7.27
C LEU A 104 -5.94 13.02 6.73
N ILE A 105 -4.95 13.67 6.11
CA ILE A 105 -3.79 12.90 5.62
C ILE A 105 -3.18 12.20 6.84
N LYS A 106 -3.08 12.96 7.93
CA LYS A 106 -2.44 12.46 9.10
C LYS A 106 -3.24 11.30 9.74
N SER A 107 -4.57 11.44 9.83
CA SER A 107 -5.42 10.34 10.27
C SER A 107 -5.28 9.11 9.42
N TYR A 108 -5.27 9.29 8.10
CA TYR A 108 -5.17 8.10 7.24
C TYR A 108 -3.81 7.42 7.39
N LEU A 109 -2.74 8.23 7.43
CA LEU A 109 -1.42 7.63 7.61
C LEU A 109 -1.38 6.83 8.95
N PHE A 110 -1.89 7.44 10.02
CA PHE A 110 -1.87 6.77 11.33
C PHE A 110 -2.62 5.47 11.35
N GLN A 111 -3.81 5.52 10.70
CA GLN A 111 -4.60 4.27 10.63
C GLN A 111 -3.94 3.19 9.84
N LEU A 112 -3.31 3.58 8.71
CA LEU A 112 -2.70 2.54 7.88
C LEU A 112 -1.49 1.99 8.58
N LEU A 113 -0.82 2.85 9.37
CA LEU A 113 0.30 2.34 10.18
C LEU A 113 -0.21 1.38 11.27
N GLN A 114 -1.41 1.65 11.82
CA GLN A 114 -1.96 0.65 12.73
C GLN A 114 -2.23 -0.69 12.06
N GLY A 115 -2.86 -0.66 10.90
CA GLY A 115 -3.06 -1.85 10.01
C GLY A 115 -1.77 -2.58 9.76
N LEU A 116 -0.76 -1.85 9.35
CA LEU A 116 0.49 -2.49 9.09
C LEU A 116 1.13 -3.03 10.33
N ALA A 117 1.09 -2.30 11.42
CA ALA A 117 1.68 -2.87 12.63
C ALA A 117 1.04 -4.19 13.00
N PHE A 118 -0.30 -4.24 12.87
CA PHE A 118 -0.97 -5.52 13.19
C PHE A 118 -0.49 -6.63 12.22
N CYS A 119 -0.55 -6.40 10.93
CA CYS A 119 -0.17 -7.46 9.98
C CYS A 119 1.28 -7.91 10.19
N HIS A 120 2.16 -6.96 10.34
CA HIS A 120 3.55 -7.24 10.51
C HIS A 120 3.79 -8.03 11.78
N SER A 121 3.03 -7.75 12.85
CA SER A 121 3.25 -8.47 14.10
C SER A 121 2.90 -9.92 13.92
N HIS A 122 2.07 -10.23 12.92
CA HIS A 122 1.72 -11.63 12.61
C HIS A 122 2.51 -12.19 11.47
N ARG A 123 3.61 -11.48 11.14
CA ARG A 123 4.52 -11.80 10.03
C ARG A 123 3.91 -11.91 8.63
N VAL A 124 2.91 -11.09 8.37
CA VAL A 124 2.23 -11.04 7.12
C VAL A 124 2.62 -9.73 6.46
N LEU A 125 3.13 -9.81 5.22
CA LEU A 125 3.52 -8.63 4.41
C LEU A 125 2.38 -8.31 3.46
N HIS A 126 2.15 -7.03 3.17
CA HIS A 126 1.24 -6.74 2.07
C HIS A 126 1.90 -6.88 0.69
N ARG A 127 3.06 -6.24 0.53
CA ARG A 127 3.91 -6.28 -0.69
C ARG A 127 3.48 -5.47 -1.86
N ASP A 128 2.22 -4.98 -1.91
CA ASP A 128 1.81 -4.17 -3.07
C ASP A 128 0.87 -3.03 -2.69
N LEU A 129 1.25 -2.29 -1.66
CA LEU A 129 0.42 -1.14 -1.28
C LEU A 129 0.38 -0.08 -2.40
N LYS A 130 -0.80 0.47 -2.69
CA LYS A 130 -0.96 1.52 -3.70
C LYS A 130 -2.31 2.17 -3.44
N PRO A 131 -2.52 3.37 -3.94
CA PRO A 131 -3.77 4.03 -3.56
C PRO A 131 -5.01 3.23 -3.92
N GLN A 132 -4.94 2.45 -4.99
CA GLN A 132 -6.13 1.69 -5.40
C GLN A 132 -6.47 0.58 -4.44
N ASN A 133 -5.55 0.23 -3.53
CA ASN A 133 -5.77 -0.85 -2.56
C ASN A 133 -6.11 -0.30 -1.21
N LEU A 134 -6.33 1.01 -1.11
CA LEU A 134 -6.58 1.65 0.22
C LEU A 134 -7.98 2.16 0.11
N LEU A 135 -8.88 1.61 0.91
CA LEU A 135 -10.30 1.90 0.71
C LEU A 135 -10.85 2.73 1.86
N ILE A 136 -11.78 3.67 1.56
CA ILE A 136 -12.19 4.64 2.61
C ILE A 136 -13.72 4.56 2.76
N ASN A 137 -14.16 5.05 3.92
CA ASN A 137 -15.61 5.15 4.12
C ASN A 137 -16.02 6.51 4.61
N THR A 138 -17.34 6.70 4.84
CA THR A 138 -17.84 8.02 5.29
C THR A 138 -17.45 8.37 6.70
N GLU A 139 -17.04 7.40 7.48
CA GLU A 139 -16.81 7.66 8.89
C GLU A 139 -15.38 8.14 9.15
N GLY A 140 -14.59 8.21 8.09
CA GLY A 140 -13.20 8.59 8.31
C GLY A 140 -12.25 7.43 8.39
N ALA A 141 -12.71 6.21 8.15
CA ALA A 141 -11.77 5.07 8.25
C ALA A 141 -11.08 4.83 6.93
N ILE A 142 -9.88 4.24 6.97
CA ILE A 142 -9.22 3.80 5.73
C ILE A 142 -8.71 2.42 6.02
N LYS A 143 -8.77 1.55 5.01
CA LYS A 143 -8.46 0.15 5.21
C LYS A 143 -7.62 -0.40 4.10
N LEU A 144 -6.76 -1.33 4.47
CA LEU A 144 -5.90 -2.05 3.50
C LEU A 144 -6.61 -3.17 2.82
N ALA A 145 -6.61 -3.19 1.47
CA ALA A 145 -7.22 -4.30 0.67
C ALA A 145 -6.14 -5.11 0.00
N ASP A 146 -6.48 -6.32 -0.38
CA ASP A 146 -5.62 -7.19 -1.22
C ASP A 146 -4.55 -7.73 -0.22
N PHE A 147 -4.82 -7.68 1.10
CA PHE A 147 -3.75 -7.92 2.09
C PHE A 147 -3.37 -9.42 2.08
N GLY A 148 -2.07 -9.72 1.94
CA GLY A 148 -1.58 -11.10 1.93
C GLY A 148 -1.78 -11.83 0.60
N LEU A 149 -2.46 -11.19 -0.35
CA LEU A 149 -2.83 -11.92 -1.58
C LEU A 149 -1.62 -12.13 -2.51
N ALA A 150 -0.57 -11.30 -2.40
CA ALA A 150 0.61 -11.51 -3.26
C ALA A 150 1.39 -12.82 -2.92
N ARG A 151 1.71 -13.06 -1.65
CA ARG A 151 2.43 -14.29 -1.32
C ARG A 151 1.54 -15.49 -1.67
N ALA A 152 0.22 -15.28 -1.63
CA ALA A 152 -0.73 -16.33 -1.95
C ALA A 152 -0.67 -16.70 -3.43
N GLU A 163 -3.89 -3.14 -17.33
CA GLU A 163 -3.29 -4.21 -16.56
C GLU A 163 -1.77 -4.18 -16.62
N VAL A 164 -1.15 -3.01 -16.81
CA VAL A 164 0.28 -2.87 -16.55
C VAL A 164 0.48 -2.71 -15.02
N VAL A 165 1.41 -3.46 -14.42
CA VAL A 165 1.56 -3.40 -12.95
C VAL A 165 2.25 -2.11 -12.51
N THR A 166 1.70 -1.40 -11.54
CA THR A 166 2.34 -0.15 -11.21
C THR A 166 3.57 -0.39 -10.30
N LEU A 167 4.64 0.31 -10.67
CA LEU A 167 5.93 0.15 -9.99
C LEU A 167 6.15 1.29 -9.02
N TRP A 168 5.24 2.26 -9.01
CA TRP A 168 5.51 3.57 -8.38
C TRP A 168 5.85 3.46 -6.89
N TYR A 169 5.32 2.41 -6.25
CA TYR A 169 5.44 2.31 -4.85
C TYR A 169 6.37 1.17 -4.38
N ARG A 170 7.13 0.64 -5.32
N ARG A 170 7.09 0.57 -5.31
CA ARG A 170 8.05 -0.48 -5.09
CA ARG A 170 7.94 -0.59 -5.02
C ARG A 170 9.29 -0.08 -4.31
C ARG A 170 9.24 -0.15 -4.33
N ALA A 171 9.58 -0.82 -3.24
CA ALA A 171 10.78 -0.54 -2.48
C ALA A 171 12.05 -0.87 -3.31
N PRO A 172 13.15 -0.21 -3.01
CA PRO A 172 14.33 -0.37 -3.89
C PRO A 172 14.94 -1.79 -3.73
N GLU A 173 14.77 -2.42 -2.56
CA GLU A 173 15.36 -3.76 -2.43
C GLU A 173 14.59 -4.72 -3.36
N ILE A 174 13.33 -4.47 -3.59
CA ILE A 174 12.65 -5.36 -4.55
C ILE A 174 13.16 -5.09 -5.97
N LEU A 175 13.31 -3.80 -6.32
CA LEU A 175 13.77 -3.45 -7.66
C LEU A 175 15.21 -3.96 -7.91
N LEU A 176 16.01 -4.06 -6.85
CA LEU A 176 17.39 -4.54 -6.95
C LEU A 176 17.48 -6.08 -6.86
N GLY A 177 16.35 -6.75 -6.76
CA GLY A 177 16.28 -8.21 -6.99
C GLY A 177 16.38 -9.08 -5.73
N CYS A 178 16.20 -8.47 -4.57
N CYS A 178 16.18 -8.47 -4.57
CA CYS A 178 16.18 -9.21 -3.30
CA CYS A 178 16.06 -9.27 -3.38
C CYS A 178 14.93 -10.10 -3.26
C CYS A 178 14.91 -10.20 -3.53
N LYS A 179 15.10 -11.42 -3.03
CA LYS A 179 13.99 -12.38 -3.06
C LYS A 179 13.29 -12.49 -1.73
N TYR A 180 14.01 -12.16 -0.67
CA TYR A 180 13.61 -12.46 0.72
C TYR A 180 13.43 -11.16 1.51
N TYR A 181 12.71 -10.25 0.89
CA TYR A 181 12.54 -8.96 1.53
C TYR A 181 11.53 -9.01 2.69
N SER A 182 11.44 -7.87 3.39
CA SER A 182 10.89 -7.84 4.71
C SER A 182 9.66 -6.90 4.76
N THR A 183 9.12 -6.81 5.97
CA THR A 183 7.97 -5.88 6.25
C THR A 183 8.32 -4.45 5.87
N ALA A 184 9.61 -4.12 5.82
CA ALA A 184 10.03 -2.77 5.46
C ALA A 184 9.53 -2.39 4.06
N VAL A 185 9.24 -3.36 3.17
CA VAL A 185 8.81 -2.91 1.82
C VAL A 185 7.46 -2.17 1.97
N ASP A 186 6.65 -2.54 2.96
CA ASP A 186 5.31 -1.88 3.08
C ASP A 186 5.44 -0.45 3.61
N ILE A 187 6.43 -0.23 4.48
CA ILE A 187 6.67 1.10 5.00
C ILE A 187 7.16 2.03 3.89
N TRP A 188 8.00 1.50 2.97
CA TRP A 188 8.44 2.32 1.84
C TRP A 188 7.20 2.70 1.00
N SER A 189 6.38 1.71 0.65
CA SER A 189 5.20 2.06 -0.19
C SER A 189 4.35 3.07 0.50
N LEU A 190 4.08 2.91 1.80
CA LEU A 190 3.22 3.87 2.52
C LEU A 190 3.87 5.27 2.57
N GLY A 191 5.20 5.34 2.67
CA GLY A 191 5.88 6.63 2.60
C GLY A 191 5.65 7.29 1.24
N CYS A 192 5.72 6.51 0.19
CA CYS A 192 5.46 7.08 -1.17
C CYS A 192 4.02 7.60 -1.29
N ILE A 193 3.07 6.88 -0.67
CA ILE A 193 1.66 7.31 -0.74
C ILE A 193 1.48 8.58 0.10
N PHE A 194 2.11 8.62 1.29
CA PHE A 194 2.07 9.84 2.15
C PHE A 194 2.53 11.06 1.40
N ALA A 195 3.68 10.92 0.75
CA ALA A 195 4.19 12.06 -0.07
C ALA A 195 3.22 12.47 -1.14
N GLU A 196 2.59 11.50 -1.81
CA GLU A 196 1.61 11.79 -2.90
C GLU A 196 0.32 12.47 -2.36
N MET A 197 -0.14 12.08 -1.16
CA MET A 197 -1.26 12.80 -0.52
C MET A 197 -0.95 14.28 -0.31
N VAL A 198 0.26 14.53 0.20
CA VAL A 198 0.69 15.89 0.57
C VAL A 198 0.91 16.78 -0.69
N THR A 199 1.60 16.27 -1.72
CA THR A 199 1.98 17.12 -2.84
C THR A 199 1.03 17.11 -4.02
N ARG A 200 0.12 16.14 -4.02
CA ARG A 200 -0.83 15.82 -5.11
C ARG A 200 -0.14 15.45 -6.42
N ARG A 201 1.05 14.85 -6.30
CA ARG A 201 1.73 14.22 -7.39
C ARG A 201 2.42 12.96 -6.88
N ALA A 202 2.46 11.96 -7.75
CA ALA A 202 3.21 10.76 -7.35
C ALA A 202 4.67 11.11 -7.12
N LEU A 203 5.28 10.42 -6.16
CA LEU A 203 6.66 10.75 -5.76
C LEU A 203 7.66 10.23 -6.80
N PHE A 204 7.46 8.97 -7.13
CA PHE A 204 8.35 8.27 -8.09
C PHE A 204 7.59 7.54 -9.18
N PRO A 205 7.08 8.27 -10.18
CA PRO A 205 6.24 7.58 -11.16
C PRO A 205 7.00 6.92 -12.33
N GLY A 206 7.67 5.85 -12.01
CA GLY A 206 8.44 5.08 -12.99
C GLY A 206 7.56 4.31 -13.97
N ASP A 207 8.06 4.11 -15.19
CA ASP A 207 7.26 3.42 -16.15
C ASP A 207 8.02 2.20 -16.66
N SER A 208 9.11 1.87 -15.99
CA SER A 208 9.82 0.61 -16.18
C SER A 208 10.66 0.35 -14.93
N GLU A 209 11.24 -0.83 -14.78
CA GLU A 209 11.95 -1.06 -13.54
C GLU A 209 13.15 -0.15 -13.42
N ILE A 210 13.88 0.08 -14.51
CA ILE A 210 15.06 0.93 -14.36
C ILE A 210 14.66 2.40 -14.23
N ASP A 211 13.56 2.79 -14.84
CA ASP A 211 13.12 4.16 -14.71
C ASP A 211 12.70 4.40 -13.26
N GLN A 212 12.05 3.38 -12.69
CA GLN A 212 11.63 3.50 -11.27
C GLN A 212 12.83 3.64 -10.36
N LEU A 213 13.84 2.76 -10.57
CA LEU A 213 15.04 2.83 -9.74
C LEU A 213 15.74 4.15 -9.92
N PHE A 214 15.83 4.62 -11.19
CA PHE A 214 16.59 5.84 -11.37
C PHE A 214 15.83 7.09 -10.94
N ARG A 215 14.51 7.04 -10.89
CA ARG A 215 13.75 8.17 -10.30
C ARG A 215 14.02 8.20 -8.80
N ILE A 216 14.10 7.05 -8.18
CA ILE A 216 14.42 7.02 -6.73
C ILE A 216 15.79 7.58 -6.52
N PHE A 217 16.77 7.12 -7.29
CA PHE A 217 18.15 7.58 -7.08
C PHE A 217 18.30 9.09 -7.35
N ARG A 218 17.53 9.62 -8.32
CA ARG A 218 17.67 11.06 -8.65
C ARG A 218 17.18 11.92 -7.51
N THR A 219 16.25 11.41 -6.69
CA THR A 219 15.68 12.17 -5.60
C THR A 219 16.51 11.88 -4.33
N LEU A 220 16.67 10.60 -4.00
CA LEU A 220 17.30 10.27 -2.66
C LEU A 220 18.83 10.01 -2.68
N GLY A 221 19.44 10.10 -3.88
CA GLY A 221 20.86 9.90 -4.14
C GLY A 221 21.05 8.44 -4.53
N THR A 222 21.99 8.16 -5.43
CA THR A 222 22.31 6.76 -5.73
C THR A 222 22.86 6.15 -4.44
N PRO A 223 22.29 4.99 -4.01
CA PRO A 223 22.74 4.39 -2.77
C PRO A 223 24.11 3.78 -2.92
N ASP A 224 24.86 3.81 -1.83
CA ASP A 224 26.20 3.25 -1.81
C ASP A 224 26.37 2.48 -0.52
N GLU A 225 27.59 2.00 -0.28
CA GLU A 225 27.79 1.18 0.92
C GLU A 225 27.71 1.96 2.22
N VAL A 226 27.95 3.28 2.16
CA VAL A 226 27.87 4.12 3.34
C VAL A 226 26.43 4.12 3.84
N VAL A 227 25.47 4.40 2.97
CA VAL A 227 24.11 4.52 3.49
C VAL A 227 23.34 3.18 3.50
N TRP A 228 23.86 2.20 2.76
CA TRP A 228 23.14 0.93 2.61
C TRP A 228 24.18 -0.17 2.47
N PRO A 229 24.70 -0.60 3.61
CA PRO A 229 25.67 -1.71 3.56
C PRO A 229 25.12 -2.94 2.90
N GLY A 230 25.85 -3.47 1.95
CA GLY A 230 25.38 -4.66 1.24
C GLY A 230 24.82 -4.29 -0.14
N VAL A 231 24.51 -3.02 -0.39
CA VAL A 231 23.75 -2.70 -1.61
C VAL A 231 24.53 -3.08 -2.86
N THR A 232 25.87 -2.95 -2.85
CA THR A 232 26.60 -3.13 -4.14
C THR A 232 26.67 -4.59 -4.46
N SER A 233 26.25 -5.45 -3.56
CA SER A 233 26.24 -6.88 -3.88
C SER A 233 24.83 -7.47 -4.15
N MET A 234 23.81 -6.62 -4.20
CA MET A 234 22.48 -7.07 -4.53
C MET A 234 22.35 -7.57 -5.95
N PRO A 235 21.37 -8.46 -6.19
CA PRO A 235 21.41 -9.23 -7.46
C PRO A 235 21.40 -8.38 -8.77
N ASP A 236 20.63 -7.29 -8.78
CA ASP A 236 20.53 -6.45 -9.95
C ASP A 236 21.27 -5.12 -9.78
N TYR A 237 22.12 -5.03 -8.75
CA TYR A 237 22.95 -3.85 -8.62
C TYR A 237 23.98 -3.85 -9.74
N LYS A 238 24.20 -2.70 -10.35
CA LYS A 238 25.31 -2.55 -11.35
C LYS A 238 26.23 -1.41 -10.96
N PRO A 239 27.57 -1.63 -10.96
CA PRO A 239 28.52 -0.54 -10.69
C PRO A 239 28.36 0.61 -11.66
N SER A 240 27.82 0.27 -12.83
CA SER A 240 27.62 1.30 -13.86
C SER A 240 26.38 2.20 -13.62
N PHE A 241 25.66 2.00 -12.52
CA PHE A 241 24.51 2.89 -12.22
C PHE A 241 25.08 4.31 -12.15
N PRO A 242 24.34 5.29 -12.66
CA PRO A 242 24.89 6.64 -12.53
C PRO A 242 24.87 7.07 -11.06
N LYS A 243 25.74 8.00 -10.66
CA LYS A 243 25.77 8.40 -9.25
C LYS A 243 25.21 9.82 -9.11
N TRP A 244 23.94 9.93 -8.70
CA TRP A 244 23.29 11.18 -8.44
C TRP A 244 23.38 11.59 -6.98
N ALA A 245 23.50 12.89 -6.71
CA ALA A 245 23.47 13.34 -5.30
C ALA A 245 22.04 13.40 -4.73
N ARG A 246 21.90 13.26 -3.41
CA ARG A 246 20.60 13.41 -2.77
C ARG A 246 20.04 14.84 -2.75
N GLN A 247 18.70 14.96 -2.77
CA GLN A 247 17.99 16.24 -2.56
C GLN A 247 17.38 16.42 -1.18
N ASP A 248 17.08 17.67 -0.79
CA ASP A 248 16.38 17.90 0.48
C ASP A 248 14.95 17.62 0.43
N PHE A 249 14.41 17.01 1.47
CA PHE A 249 12.95 16.81 1.55
C PHE A 249 12.14 18.06 1.52
N SER A 250 12.79 19.16 1.94
CA SER A 250 12.13 20.44 1.88
C SER A 250 11.80 20.77 0.41
N LYS A 251 12.60 20.26 -0.53
CA LYS A 251 12.28 20.41 -1.95
C LYS A 251 11.29 19.34 -2.45
N VAL A 252 11.32 18.18 -1.79
CA VAL A 252 10.54 17.03 -2.25
C VAL A 252 9.08 17.03 -1.81
N VAL A 253 8.74 17.40 -0.57
CA VAL A 253 7.33 17.47 -0.14
C VAL A 253 6.90 18.80 0.47
N PRO A 254 7.25 19.94 -0.18
CA PRO A 254 6.79 21.17 0.44
C PRO A 254 5.26 21.17 0.38
N PRO A 255 4.57 21.70 1.38
CA PRO A 255 5.00 22.42 2.56
C PRO A 255 4.71 21.57 3.77
N LEU A 256 4.99 20.28 3.70
CA LEU A 256 4.95 19.47 4.89
C LEU A 256 5.90 19.99 5.95
N ASP A 257 5.41 19.99 7.20
CA ASP A 257 6.23 20.48 8.33
C ASP A 257 7.31 19.51 8.70
N GLU A 258 8.18 19.97 9.60
CA GLU A 258 9.39 19.22 9.94
C GLU A 258 9.11 17.88 10.58
N ASP A 259 8.05 17.77 11.38
CA ASP A 259 7.72 16.42 11.87
C ASP A 259 7.33 15.46 10.78
N GLY A 260 6.44 15.94 9.89
CA GLY A 260 6.06 15.08 8.76
C GLY A 260 7.27 14.74 7.88
N ARG A 261 8.17 15.71 7.62
CA ARG A 261 9.36 15.41 6.78
C ARG A 261 10.28 14.43 7.46
N SER A 262 10.43 14.57 8.75
CA SER A 262 11.34 13.62 9.52
C SER A 262 10.78 12.20 9.47
N LEU A 263 9.46 12.10 9.64
CA LEU A 263 8.83 10.76 9.58
C LEU A 263 8.99 10.19 8.14
N LEU A 264 8.72 10.99 7.14
CA LEU A 264 8.83 10.49 5.75
C LEU A 264 10.25 10.03 5.45
N SER A 265 11.22 10.81 5.93
N SER A 265 11.20 10.82 5.93
CA SER A 265 12.64 10.44 5.71
CA SER A 265 12.58 10.44 5.73
C SER A 265 12.96 9.08 6.32
C SER A 265 12.90 9.07 6.29
N GLN A 266 12.39 8.79 7.48
CA GLN A 266 12.65 7.50 8.12
C GLN A 266 11.88 6.38 7.40
N MET A 267 10.79 6.73 6.73
CA MET A 267 10.06 5.69 6.04
C MET A 267 10.69 5.39 4.66
N LEU A 268 11.53 6.31 4.19
CA LEU A 268 12.19 6.14 2.92
C LEU A 268 13.71 5.87 3.06
N HIS A 269 14.15 5.44 4.21
CA HIS A 269 15.59 5.03 4.31
C HIS A 269 15.88 3.91 3.31
N TYR A 270 17.03 4.01 2.65
CA TYR A 270 17.35 2.93 1.72
C TYR A 270 17.52 1.58 2.37
N ASP A 271 18.31 1.53 3.47
CA ASP A 271 18.55 0.23 4.15
C ASP A 271 17.30 -0.25 4.86
N PRO A 272 16.71 -1.36 4.44
CA PRO A 272 15.46 -1.78 5.08
C PRO A 272 15.60 -1.99 6.57
N ASN A 273 16.82 -2.28 7.04
CA ASN A 273 16.99 -2.47 8.45
C ASN A 273 17.04 -1.15 9.25
N LYS A 274 17.27 -0.03 8.58
CA LYS A 274 17.27 1.29 9.18
C LYS A 274 15.88 1.91 9.06
N ARG A 275 15.12 1.46 8.05
CA ARG A 275 13.79 2.03 7.77
C ARG A 275 12.87 1.84 9.04
N ILE A 276 12.04 2.82 9.34
CA ILE A 276 11.25 2.83 10.60
C ILE A 276 10.21 1.69 10.50
N SER A 277 9.96 1.07 11.63
CA SER A 277 8.85 0.11 11.66
C SER A 277 7.52 0.78 11.77
N ALA A 278 6.44 0.06 11.47
CA ALA A 278 5.11 0.67 11.69
C ALA A 278 4.90 1.03 13.14
N LYS A 279 5.31 0.12 14.05
CA LYS A 279 5.06 0.36 15.45
C LYS A 279 5.83 1.58 15.92
N ALA A 280 7.08 1.73 15.47
CA ALA A 280 7.85 2.91 15.88
C ALA A 280 7.29 4.19 15.24
N ALA A 281 6.78 4.06 14.02
CA ALA A 281 6.22 5.23 13.35
C ALA A 281 5.00 5.76 14.12
N LEU A 282 4.20 4.84 14.72
CA LEU A 282 3.04 5.28 15.46
C LEU A 282 3.41 6.19 16.65
N ALA A 283 4.66 6.08 17.13
CA ALA A 283 5.14 6.86 18.28
C ALA A 283 5.80 8.18 17.87
N HIS A 284 5.85 8.41 16.58
CA HIS A 284 6.54 9.58 16.05
C HIS A 284 5.80 10.86 16.46
N PRO A 285 6.57 11.91 16.77
CA PRO A 285 5.91 13.17 17.16
C PRO A 285 4.90 13.74 16.16
N PHE A 286 5.04 13.40 14.87
CA PHE A 286 4.01 13.83 13.90
C PHE A 286 2.61 13.49 14.31
N PHE A 287 2.43 12.43 15.11
CA PHE A 287 1.09 11.99 15.47
C PHE A 287 0.61 12.49 16.83
N GLN A 288 1.43 13.34 17.46
CA GLN A 288 1.02 13.89 18.78
C GLN A 288 -0.36 14.58 18.73
N ASP A 289 -0.74 15.16 17.58
CA ASP A 289 -2.05 15.84 17.52
C ASP A 289 -2.97 15.16 16.56
N VAL A 290 -2.77 13.87 16.35
CA VAL A 290 -3.64 13.19 15.40
C VAL A 290 -5.10 13.22 15.87
N THR A 291 -6.01 13.28 14.90
CA THR A 291 -7.47 13.31 15.10
C THR A 291 -8.08 12.45 14.01
N LYS A 292 -9.41 12.30 14.01
CA LYS A 292 -10.08 11.46 13.02
C LYS A 292 -11.19 12.30 12.37
N PRO A 293 -10.79 13.15 11.42
CA PRO A 293 -11.78 13.92 10.68
C PRO A 293 -12.59 13.09 9.76
N VAL A 294 -13.73 13.64 9.36
CA VAL A 294 -14.52 12.92 8.37
C VAL A 294 -14.35 13.55 6.99
N PRO A 295 -14.17 12.71 5.96
CA PRO A 295 -13.94 13.23 4.62
C PRO A 295 -15.23 13.74 3.99
N HIS A 296 -15.12 14.60 3.00
CA HIS A 296 -16.30 14.90 2.19
C HIS A 296 -16.33 13.85 1.07
N LEU A 297 -17.23 12.85 1.17
CA LEU A 297 -17.38 11.84 0.13
C LEU A 297 -18.68 12.03 -0.66
N ARG A 298 -18.54 12.26 -1.96
CA ARG A 298 -19.70 12.26 -2.86
C ARG A 298 -19.81 10.87 -3.46
N LEU A 299 -20.88 10.15 -3.10
CA LEU A 299 -21.04 8.77 -3.54
C LEU A 299 -22.22 8.61 -4.48
C4 6QB B . -12.98 0.35 -4.64
C5 6QB B . -13.00 1.37 -5.60
C8 6QB B . -14.15 -2.00 -2.91
C10 6QB B . -13.98 -3.71 -1.30
C15 6QB B . -10.94 -3.14 -5.08
C20 6QB B . -10.43 -4.98 -3.60
C21 6QB B . -7.71 -4.56 -6.09
C26 6QB B . -6.67 -6.66 -6.78
C28 6QB B . -7.43 -8.01 -8.58
C1 6QB B . -16.54 1.04 -4.93
N2 6QB B . -15.08 0.94 -4.97
C3 6QB B . -14.27 0.07 -4.27
N6 6QB B . -14.25 1.75 -5.79
N7 6QB B . -14.75 -0.85 -3.35
N9 6QB B . -14.61 -2.59 -1.82
C11 6QB B . -12.89 -4.25 -2.00
C12 6QB B . -12.47 -3.55 -3.16
N13 6QB B . -13.08 -2.45 -3.58
C14 6QB B . -11.26 -3.94 -3.95
C16 6QB B . -9.82 -3.40 -5.80
N17 6QB B . -8.99 -4.38 -5.41
C18 6QB B . -9.27 -5.18 -4.36
O19 6QB B . -8.48 -6.07 -4.03
C23 6QB B . -7.21 -3.19 -6.68
O24 6QB B . -5.76 -3.24 -6.79
C25 6QB B . -7.67 -5.74 -7.02
C27 6QB B . -6.53 -7.79 -7.55
C29 6QB B . -8.43 -7.08 -8.83
C30 6QB B . -8.56 -5.93 -8.05
F31 6QB B . -9.29 -7.33 -9.84
CL1 6QB B . -7.25 -9.44 -9.54
#